data_5VIH
#
_entry.id   5VIH
#
_cell.length_a   54.736
_cell.length_b   87.221
_cell.length_c   122.277
_cell.angle_alpha   90.00
_cell.angle_beta   90.00
_cell.angle_gamma   90.00
#
_symmetry.space_group_name_H-M   'P 21 21 21'
#
loop_
_entity.id
_entity.type
_entity.pdbx_description
1 polymer 'Glutamate receptor ionotropic, NMDA 1'
2 polymer 'Glutamate receptor ionotropic, NMDA 2A'
3 non-polymer GLYCINE
4 non-polymer '5-[(2R)-2-amino-2-carboxyethyl]-1-(4-fluorophenyl)-1H-pyrazole-3-carboxylic acid'
5 non-polymer DI(HYDROXYETHYL)ETHER
6 water water
#
loop_
_entity_poly.entity_id
_entity_poly.type
_entity_poly.pdbx_seq_one_letter_code
_entity_poly.pdbx_strand_id
1 'polypeptide(L)'
;GMSTRLKIVTIHQEPFVYVKPTMSDGTCKEEFTVNGDPVKKVICTGPNDTSPGSPRHTVPQCCYGFCIDLLIKLARTMNF
TYEVHLVADGKFGTQERVNNSNKKEWNGMMGELLSGQADMIVAPLTINNERAQYIEFSKPFKYQGLTILVKKGTRITGIN
DPRLRNPSDKFIYATVKQSSVDIYFRRQVELSTMYRHMEKHNYESAAEAIQAVRDNKLHAFIWDSAVLEFEASQKCDLVT
TGELFFRSGFGIGMRKDSPWKQNVSLSILKSHENGFMEDLDKTWVRYQECDS
;
A
2 'polypeptide(L)'
;SDDNHLSIVTLEEAPFVIVEDIDPLTETCVRNTVPCRKFVKINNSTNEGMNVKKCCKGFCIDILKKLSRTVKFTYDLYLV
TNGKHGKKVNNVWNGMIGEVVYQRAVMAVGSLTINEERSEVVDFSVPFVETGISVMVSRGTQVTGLSDKKFQRPHDYSPP
FRFGTVPNGSTERNIRNNYPYMHQYMTRFNQRGVEDALVSLKTGKLDAFIYDAAVLNYKAGRDEGCKLVTIGSGYIFATT
GYGIALQKGSPWKRQIDLALLQFVGDGEMEELETLWLTGICHN
;
B
#
# COMPACT_ATOMS: atom_id res chain seq x y z
N ARG A 5 5.60 2.25 29.70
CA ARG A 5 6.75 2.02 28.83
C ARG A 5 6.47 0.89 27.84
N LEU A 6 6.32 1.26 26.57
CA LEU A 6 5.96 0.29 25.54
C LEU A 6 7.13 -0.64 25.25
N LYS A 7 6.86 -1.95 25.21
CA LYS A 7 7.87 -2.93 24.84
C LYS A 7 7.78 -3.17 23.34
N ILE A 8 8.73 -2.63 22.59
CA ILE A 8 8.77 -2.78 21.14
C ILE A 8 9.65 -3.97 20.79
N VAL A 9 9.12 -4.85 19.94
CA VAL A 9 9.90 -5.96 19.39
C VAL A 9 10.20 -5.64 17.93
N THR A 10 11.30 -6.18 17.43
CA THR A 10 11.67 -6.01 16.03
C THR A 10 12.62 -7.14 15.63
N ILE A 11 13.18 -7.03 14.43
CA ILE A 11 13.97 -8.11 13.85
C ILE A 11 15.00 -7.51 12.91
N HIS A 12 16.14 -8.18 12.80
CA HIS A 12 17.21 -7.76 11.89
C HIS A 12 16.73 -7.96 10.45
N GLN A 13 16.56 -6.85 9.72
CA GLN A 13 16.13 -6.91 8.33
C GLN A 13 16.51 -5.58 7.66
N GLU A 14 17.66 -5.56 7.01
CA GLU A 14 18.10 -4.35 6.33
C GLU A 14 17.28 -4.17 5.05
N PRO A 15 17.03 -2.91 4.64
CA PRO A 15 17.50 -1.68 5.29
C PRO A 15 16.50 -1.11 6.30
N PHE A 16 15.66 -1.96 6.87
CA PHE A 16 14.63 -1.48 7.79
C PHE A 16 15.12 -1.48 9.24
N VAL A 17 15.92 -2.46 9.64
CA VAL A 17 16.52 -2.51 10.97
C VAL A 17 17.95 -3.00 10.82
N TYR A 18 18.92 -2.12 11.08
CA TYR A 18 20.31 -2.52 11.21
C TYR A 18 20.58 -2.84 12.68
N VAL A 19 21.40 -3.86 12.90
CA VAL A 19 21.81 -4.26 14.25
C VAL A 19 23.33 -4.30 14.27
N LYS A 20 23.95 -3.41 15.04
CA LYS A 20 25.39 -3.28 15.10
C LYS A 20 25.85 -3.25 16.55
N PRO A 21 27.05 -3.76 16.83
CA PRO A 21 27.50 -3.89 18.22
C PRO A 21 27.62 -2.55 18.93
N THR A 22 27.56 -2.64 20.26
CA THR A 22 27.65 -1.49 21.14
C THR A 22 29.11 -1.09 21.35
N MET A 23 29.35 0.21 21.50
CA MET A 23 30.69 0.69 21.83
C MET A 23 31.06 0.28 23.25
N SER A 24 32.36 0.38 23.56
CA SER A 24 32.87 -0.17 24.81
C SER A 24 32.12 0.37 26.03
N ASP A 25 31.69 1.63 25.98
CA ASP A 25 31.06 2.28 27.12
C ASP A 25 29.53 2.16 27.10
N GLY A 26 28.99 1.14 26.45
CA GLY A 26 27.56 0.92 26.44
C GLY A 26 26.76 1.82 25.52
N THR A 27 27.41 2.69 24.75
CA THR A 27 26.71 3.65 23.91
C THR A 27 26.85 3.29 22.43
N CYS A 28 26.16 4.06 21.59
CA CYS A 28 26.15 3.86 20.16
C CYS A 28 26.98 4.93 19.46
N LYS A 29 27.60 4.53 18.35
CA LYS A 29 28.44 5.44 17.58
C LYS A 29 27.58 6.48 16.87
N GLU A 30 27.96 7.75 17.00
CA GLU A 30 27.23 8.82 16.32
C GLU A 30 27.62 8.85 14.85
N GLU A 31 26.62 8.96 13.97
CA GLU A 31 26.85 8.94 12.54
C GLU A 31 25.87 9.85 11.84
N PHE A 32 26.31 10.46 10.75
CA PHE A 32 25.46 11.26 9.88
C PHE A 32 25.39 10.61 8.51
N THR A 33 24.29 10.86 7.80
CA THR A 33 24.18 10.41 6.43
C THR A 33 25.07 11.25 5.53
N VAL A 34 25.25 10.80 4.28
CA VAL A 34 26.04 11.57 3.34
C VAL A 34 25.35 12.89 3.00
N ASN A 35 24.04 12.98 3.21
CA ASN A 35 23.29 14.22 3.04
C ASN A 35 23.23 15.03 4.33
N GLY A 36 24.01 14.68 5.33
CA GLY A 36 24.15 15.52 6.50
C GLY A 36 23.05 15.40 7.53
N ASP A 37 22.38 14.24 7.60
CA ASP A 37 21.32 14.00 8.56
C ASP A 37 21.79 13.05 9.66
N PRO A 38 21.45 13.31 10.91
CA PRO A 38 21.92 12.42 11.99
C PRO A 38 21.20 11.08 11.93
N VAL A 39 21.99 10.00 12.00
CA VAL A 39 21.46 8.64 12.01
C VAL A 39 21.07 8.32 13.44
N LYS A 40 19.78 8.38 13.74
CA LYS A 40 19.30 8.11 15.09
C LYS A 40 19.49 6.64 15.42
N LYS A 41 20.02 6.36 16.60
CA LYS A 41 20.27 5.00 17.04
C LYS A 41 19.62 4.76 18.40
N VAL A 42 19.02 3.59 18.57
CA VAL A 42 18.39 3.20 19.83
C VAL A 42 19.05 1.92 20.32
N ILE A 43 19.12 1.77 21.64
CA ILE A 43 19.61 0.54 22.24
C ILE A 43 18.55 -0.55 22.08
N CYS A 44 18.94 -1.68 21.50
CA CYS A 44 18.03 -2.82 21.35
C CYS A 44 18.71 -4.06 21.92
N THR A 45 18.09 -4.66 22.94
CA THR A 45 18.59 -5.90 23.49
C THR A 45 18.20 -7.07 22.59
N GLY A 46 19.10 -8.03 22.45
CA GLY A 46 18.83 -9.16 21.59
C GLY A 46 19.77 -10.33 21.80
N PRO A 47 19.37 -11.51 21.32
CA PRO A 47 20.21 -12.72 21.41
C PRO A 47 21.40 -12.65 20.48
N THR A 58 22.23 -12.15 25.66
CA THR A 58 21.27 -11.06 25.64
C THR A 58 21.99 -9.70 25.84
N VAL A 59 22.74 -9.31 24.82
CA VAL A 59 23.54 -8.08 24.84
C VAL A 59 22.68 -6.89 24.42
N PRO A 60 22.91 -5.70 24.99
CA PRO A 60 22.41 -4.49 24.34
C PRO A 60 23.20 -4.20 23.07
N GLN A 61 22.48 -3.81 22.02
CA GLN A 61 23.08 -3.54 20.72
C GLN A 61 22.50 -2.25 20.16
N CYS A 62 23.05 -1.80 19.04
CA CYS A 62 22.66 -0.55 18.42
C CYS A 62 21.71 -0.83 17.26
N CYS A 63 20.53 -0.20 17.30
CA CYS A 63 19.52 -0.39 16.27
C CYS A 63 19.26 0.93 15.56
N TYR A 64 19.21 0.88 14.24
CA TYR A 64 18.81 2.01 13.42
C TYR A 64 18.27 1.48 12.10
N GLY A 65 17.59 2.35 11.38
CA GLY A 65 17.09 2.02 10.07
C GLY A 65 15.73 2.65 9.82
N PHE A 66 15.12 2.21 8.72
CA PHE A 66 13.82 2.70 8.29
C PHE A 66 12.79 2.58 9.42
N CYS A 67 12.68 1.40 10.02
CA CYS A 67 11.67 1.18 11.05
C CYS A 67 12.00 1.92 12.34
N ILE A 68 13.29 2.08 12.66
CA ILE A 68 13.68 2.78 13.88
C ILE A 68 13.32 4.26 13.78
N ASP A 69 13.66 4.88 12.66
CA ASP A 69 13.21 6.26 12.41
C ASP A 69 11.70 6.36 12.55
N LEU A 70 10.97 5.39 11.99
CA LEU A 70 9.51 5.41 12.09
C LEU A 70 9.07 5.28 13.54
N LEU A 71 9.71 4.39 14.30
CA LEU A 71 9.35 4.23 15.71
C LEU A 71 9.58 5.52 16.48
N ILE A 72 10.67 6.23 16.17
CA ILE A 72 10.98 7.47 16.88
C ILE A 72 9.92 8.53 16.60
N LYS A 73 9.55 8.68 15.32
CA LYS A 73 8.47 9.59 14.99
C LYS A 73 7.18 9.21 15.72
N LEU A 74 6.83 7.92 15.69
CA LEU A 74 5.64 7.47 16.41
C LEU A 74 5.77 7.69 17.90
N ALA A 75 6.97 7.56 18.44
CA ALA A 75 7.18 7.82 19.87
C ALA A 75 6.92 9.27 20.21
N ARG A 76 7.52 10.18 19.43
CA ARG A 76 7.40 11.61 19.72
C ARG A 76 6.02 12.15 19.36
N THR A 77 5.45 11.67 18.25
CA THR A 77 4.11 12.12 17.86
C THR A 77 3.08 11.77 18.91
N MET A 78 3.18 10.57 19.49
CA MET A 78 2.20 10.09 20.45
C MET A 78 2.67 10.17 21.89
N ASN A 79 3.90 10.64 22.13
CA ASN A 79 4.41 10.90 23.46
C ASN A 79 4.41 9.64 24.33
N PHE A 80 5.30 8.72 23.97
CA PHE A 80 5.51 7.52 24.77
C PHE A 80 6.98 7.13 24.73
N THR A 81 7.44 6.51 25.82
CA THR A 81 8.77 5.94 25.89
C THR A 81 8.70 4.46 25.51
N TYR A 82 9.87 3.85 25.37
CA TYR A 82 9.91 2.48 24.86
C TYR A 82 11.25 1.84 25.18
N GLU A 83 11.23 0.52 25.24
CA GLU A 83 12.43 -0.30 25.18
C GLU A 83 12.30 -1.25 24.00
N VAL A 84 13.37 -1.39 23.23
CA VAL A 84 13.38 -2.17 22.00
C VAL A 84 14.18 -3.43 22.23
N HIS A 85 13.63 -4.57 21.81
CA HIS A 85 14.35 -5.83 21.88
C HIS A 85 14.14 -6.59 20.58
N LEU A 86 15.10 -7.47 20.28
CA LEU A 86 15.04 -8.31 19.10
C LEU A 86 14.24 -9.58 19.41
N VAL A 87 13.49 -10.05 18.41
CA VAL A 87 12.67 -11.24 18.58
C VAL A 87 13.53 -12.40 19.04
N ALA A 88 13.03 -13.15 20.03
CA ALA A 88 13.84 -14.16 20.70
C ALA A 88 14.27 -15.26 19.74
N ASP A 89 13.34 -15.81 18.96
CA ASP A 89 13.66 -16.91 18.06
C ASP A 89 14.09 -16.44 16.68
N GLY A 90 14.08 -15.15 16.41
CA GLY A 90 14.60 -14.61 15.17
C GLY A 90 13.66 -14.66 13.98
N LYS A 91 12.38 -14.95 14.19
CA LYS A 91 11.44 -15.16 13.09
C LYS A 91 10.38 -14.08 13.07
N PHE A 92 9.72 -13.95 11.91
CA PHE A 92 8.59 -13.05 11.77
C PHE A 92 7.33 -13.61 12.43
N GLY A 93 7.03 -14.89 12.18
CA GLY A 93 5.95 -15.54 12.88
C GLY A 93 4.90 -16.19 12.03
N THR A 94 4.76 -17.52 12.17
CA THR A 94 3.66 -18.28 11.61
C THR A 94 2.96 -19.03 12.73
N GLN A 95 1.68 -19.35 12.50
CA GLN A 95 0.93 -20.16 13.45
C GLN A 95 1.28 -21.64 13.23
N GLU A 96 1.54 -22.35 14.32
CA GLU A 96 1.93 -23.75 14.25
C GLU A 96 1.18 -24.55 15.30
N ARG A 97 1.09 -25.85 15.07
CA ARG A 97 0.35 -26.73 15.95
C ARG A 97 1.17 -27.12 17.17
N VAL A 98 0.48 -27.39 18.27
CA VAL A 98 1.12 -27.88 19.48
C VAL A 98 0.87 -29.37 19.65
N ASN A 102 -5.90 -30.35 19.22
CA ASN A 102 -4.81 -29.74 19.97
C ASN A 102 -4.85 -28.23 19.86
N LYS A 103 -3.92 -27.56 20.53
CA LYS A 103 -3.85 -26.11 20.54
C LYS A 103 -2.87 -25.60 19.48
N LYS A 104 -2.96 -24.30 19.19
CA LYS A 104 -2.07 -23.65 18.26
C LYS A 104 -1.38 -22.47 18.94
N GLU A 105 -0.23 -22.09 18.41
CA GLU A 105 0.50 -20.93 18.89
C GLU A 105 1.26 -20.29 17.75
N TRP A 106 1.48 -18.99 17.85
CA TRP A 106 2.31 -18.27 16.90
C TRP A 106 3.75 -18.25 17.38
N ASN A 107 4.68 -18.34 16.46
CA ASN A 107 6.09 -18.18 16.76
C ASN A 107 6.52 -16.78 16.33
N GLY A 108 7.83 -16.53 16.36
CA GLY A 108 8.35 -15.24 15.92
C GLY A 108 7.73 -14.04 16.64
N MET A 109 7.78 -12.90 15.94
CA MET A 109 7.28 -11.66 16.53
C MET A 109 5.78 -11.72 16.80
N MET A 110 5.04 -12.50 16.02
CA MET A 110 3.61 -12.66 16.28
C MET A 110 3.37 -13.32 17.64
N GLY A 111 4.19 -14.32 17.98
CA GLY A 111 4.05 -14.97 19.27
C GLY A 111 4.34 -14.04 20.43
N GLU A 112 5.41 -13.24 20.33
CA GLU A 112 5.76 -12.34 21.41
C GLU A 112 4.72 -11.24 21.61
N LEU A 113 4.08 -10.78 20.53
CA LEU A 113 3.05 -9.77 20.66
C LEU A 113 1.83 -10.31 21.39
N LEU A 114 1.38 -11.51 20.99
CA LEU A 114 0.19 -12.08 21.60
C LEU A 114 0.43 -12.53 23.03
N SER A 115 1.67 -12.86 23.38
CA SER A 115 2.00 -13.36 24.70
C SER A 115 2.30 -12.27 25.72
N GLY A 116 2.47 -11.03 25.27
CA GLY A 116 2.79 -9.93 26.15
C GLY A 116 4.27 -9.60 26.24
N GLN A 117 5.14 -10.39 25.63
CA GLN A 117 6.56 -10.03 25.59
C GLN A 117 6.80 -8.73 24.85
N ALA A 118 5.85 -8.31 24.01
CA ALA A 118 5.94 -7.05 23.28
C ALA A 118 4.58 -6.39 23.24
N ASP A 119 4.57 -5.07 23.36
CA ASP A 119 3.33 -4.30 23.24
C ASP A 119 3.04 -3.85 21.82
N MET A 120 4.05 -3.85 20.96
CA MET A 120 3.92 -3.29 19.62
C MET A 120 5.07 -3.80 18.76
N ILE A 121 4.74 -4.19 17.53
CA ILE A 121 5.74 -4.66 16.57
C ILE A 121 6.07 -3.53 15.63
N VAL A 122 7.34 -3.16 15.58
CA VAL A 122 7.84 -2.18 14.62
C VAL A 122 8.88 -2.92 13.78
N ALA A 123 8.46 -3.38 12.61
CA ALA A 123 9.30 -4.21 11.75
C ALA A 123 8.70 -4.20 10.36
N PRO A 124 9.43 -4.70 9.36
CA PRO A 124 8.79 -4.95 8.06
C PRO A 124 7.85 -6.14 8.14
N LEU A 125 6.76 -5.99 8.88
CA LEU A 125 5.82 -7.07 9.14
C LEU A 125 4.69 -7.03 8.11
N THR A 126 4.57 -8.10 7.33
CA THR A 126 3.60 -8.14 6.25
C THR A 126 2.18 -8.31 6.80
N ILE A 127 1.25 -7.52 6.27
CA ILE A 127 -0.16 -7.65 6.60
C ILE A 127 -0.77 -8.76 5.75
N ASN A 128 -1.44 -9.71 6.40
CA ASN A 128 -2.17 -10.76 5.69
C ASN A 128 -3.35 -11.21 6.54
N ASN A 129 -4.23 -12.00 5.92
CA ASN A 129 -5.46 -12.42 6.59
C ASN A 129 -5.16 -13.22 7.85
N GLU A 130 -4.21 -14.15 7.78
CA GLU A 130 -3.95 -15.06 8.89
C GLU A 130 -3.53 -14.29 10.14
N ARG A 131 -2.63 -13.32 9.99
CA ARG A 131 -2.19 -12.55 11.15
C ARG A 131 -3.24 -11.55 11.61
N ALA A 132 -4.03 -10.99 10.68
CA ALA A 132 -5.02 -9.99 11.02
C ALA A 132 -6.17 -10.54 11.84
N GLN A 133 -6.32 -11.86 11.93
CA GLN A 133 -7.39 -12.43 12.74
C GLN A 133 -7.06 -12.43 14.23
N TYR A 134 -5.79 -12.30 14.60
CA TYR A 134 -5.39 -12.33 16.00
C TYR A 134 -4.81 -11.02 16.51
N ILE A 135 -4.27 -10.18 15.63
CA ILE A 135 -3.67 -8.91 16.02
C ILE A 135 -4.29 -7.78 15.19
N GLU A 136 -4.05 -6.55 15.64
CA GLU A 136 -4.44 -5.36 14.91
C GLU A 136 -3.28 -4.85 14.10
N PHE A 137 -3.55 -4.48 12.84
CA PHE A 137 -2.56 -3.92 11.95
C PHE A 137 -2.84 -2.44 11.73
N SER A 138 -1.79 -1.63 11.73
CA SER A 138 -1.95 -0.26 11.30
C SER A 138 -2.17 -0.22 9.78
N LYS A 139 -2.58 0.93 9.29
CA LYS A 139 -2.51 1.17 7.85
C LYS A 139 -1.06 1.00 7.41
N PRO A 140 -0.82 0.58 6.17
CA PRO A 140 0.54 0.23 5.76
C PRO A 140 1.47 1.44 5.75
N PHE A 141 2.66 1.26 6.31
CA PHE A 141 3.68 2.29 6.21
C PHE A 141 4.61 2.08 5.02
N LYS A 142 4.52 0.94 4.35
CA LYS A 142 5.28 0.68 3.14
C LYS A 142 4.44 -0.20 2.22
N TYR A 143 4.30 0.22 0.97
CA TYR A 143 3.64 -0.58 -0.06
C TYR A 143 4.70 -1.30 -0.88
N GLN A 144 4.45 -2.55 -1.20
CA GLN A 144 5.55 -3.46 -1.45
C GLN A 144 5.05 -4.71 -2.17
N GLY A 145 5.95 -5.66 -2.38
CA GLY A 145 5.55 -6.91 -3.00
C GLY A 145 6.63 -7.97 -2.87
N LEU A 146 6.38 -9.11 -3.50
CA LEU A 146 7.31 -10.23 -3.51
C LEU A 146 8.01 -10.34 -4.85
N THR A 147 9.29 -10.69 -4.82
CA THR A 147 10.08 -10.87 -6.02
C THR A 147 11.16 -11.91 -5.74
N ILE A 148 11.96 -12.20 -6.76
CA ILE A 148 12.98 -13.25 -6.70
C ILE A 148 14.35 -12.62 -6.87
N LEU A 149 15.31 -13.03 -6.04
CA LEU A 149 16.67 -12.54 -6.10
C LEU A 149 17.61 -13.69 -6.45
N VAL A 150 18.53 -13.44 -7.37
CA VAL A 150 19.50 -14.43 -7.83
C VAL A 150 20.88 -13.78 -7.89
N LYS A 151 21.85 -14.57 -8.33
CA LYS A 151 23.19 -14.07 -8.60
C LYS A 151 23.28 -13.62 -10.05
N LYS A 152 24.14 -12.64 -10.31
CA LYS A 152 24.32 -12.20 -11.69
C LYS A 152 25.00 -13.31 -12.49
N GLY A 153 24.44 -13.62 -13.64
CA GLY A 153 24.86 -14.79 -14.39
C GLY A 153 23.72 -15.73 -14.64
N THR A 154 23.00 -16.12 -13.58
CA THR A 154 21.82 -16.96 -13.71
C THR A 154 20.61 -16.07 -13.98
N ARG A 155 19.84 -16.43 -15.00
CA ARG A 155 18.70 -15.63 -15.42
C ARG A 155 17.46 -16.51 -15.44
N ILE A 156 16.37 -15.99 -14.87
CA ILE A 156 15.12 -16.69 -14.69
C ILE A 156 14.01 -15.83 -15.29
N THR A 157 13.04 -16.45 -15.96
CA THR A 157 11.92 -15.69 -16.53
C THR A 157 11.19 -14.92 -15.44
N GLY A 158 10.89 -15.59 -14.32
CA GLY A 158 10.21 -14.97 -13.22
C GLY A 158 9.63 -16.01 -12.28
N ILE A 159 8.37 -15.83 -11.89
CA ILE A 159 7.71 -16.81 -11.05
C ILE A 159 7.33 -18.06 -11.84
N ASN A 160 7.28 -17.97 -13.17
CA ASN A 160 6.80 -19.06 -14.01
C ASN A 160 7.89 -19.71 -14.84
N ASP A 161 9.16 -19.46 -14.53
CA ASP A 161 10.25 -20.19 -15.16
C ASP A 161 10.08 -21.68 -14.90
N PRO A 162 10.31 -22.54 -15.90
CA PRO A 162 10.23 -23.98 -15.67
C PRO A 162 11.13 -24.47 -14.53
N ARG A 163 12.22 -23.76 -14.23
CA ARG A 163 13.13 -24.20 -13.18
C ARG A 163 12.53 -24.09 -11.78
N LEU A 164 11.41 -23.39 -11.61
CA LEU A 164 10.72 -23.30 -10.33
C LEU A 164 9.33 -23.92 -10.35
N ARG A 165 8.61 -23.84 -11.48
CA ARG A 165 7.32 -24.47 -11.64
C ARG A 165 7.40 -25.96 -11.32
N ASN A 166 8.04 -26.73 -12.21
CA ASN A 166 8.43 -28.09 -11.90
C ASN A 166 9.87 -28.07 -11.43
N PRO A 167 10.13 -28.19 -10.13
CA PRO A 167 11.49 -27.99 -9.62
C PRO A 167 12.42 -29.17 -9.91
N SER A 168 13.49 -29.25 -9.14
CA SER A 168 14.52 -30.29 -9.24
C SER A 168 15.60 -29.97 -8.23
N ASP A 169 16.47 -30.96 -7.97
CA ASP A 169 17.66 -30.69 -7.18
C ASP A 169 18.68 -29.88 -7.97
N LYS A 170 18.54 -29.82 -9.30
CA LYS A 170 19.48 -29.07 -10.13
C LYS A 170 19.35 -27.57 -9.88
N PHE A 171 18.15 -27.07 -9.58
CA PHE A 171 17.93 -25.66 -9.32
C PHE A 171 17.19 -25.52 -7.99
N ILE A 172 17.86 -24.92 -7.01
CA ILE A 172 17.35 -24.78 -5.65
C ILE A 172 16.77 -23.38 -5.48
N TYR A 173 15.71 -23.27 -4.69
CA TYR A 173 15.07 -21.99 -4.45
C TYR A 173 14.18 -22.10 -3.22
N ALA A 174 14.23 -21.08 -2.37
CA ALA A 174 13.51 -21.13 -1.11
C ALA A 174 13.26 -19.71 -0.60
N THR A 175 12.60 -19.63 0.55
CA THR A 175 12.34 -18.37 1.22
C THR A 175 12.76 -18.48 2.69
N VAL A 176 12.34 -17.52 3.51
CA VAL A 176 12.71 -17.50 4.93
C VAL A 176 11.73 -18.37 5.70
N LYS A 177 12.26 -19.20 6.60
CA LYS A 177 11.43 -20.04 7.44
C LYS A 177 10.50 -19.19 8.30
N GLN A 178 9.26 -19.65 8.45
CA GLN A 178 8.29 -19.06 9.37
C GLN A 178 8.08 -17.58 9.09
N SER A 179 7.81 -17.27 7.82
CA SER A 179 7.61 -15.90 7.36
C SER A 179 6.28 -15.79 6.65
N SER A 180 5.92 -14.56 6.30
CA SER A 180 4.71 -14.33 5.51
C SER A 180 4.78 -15.01 4.16
N VAL A 181 5.99 -15.11 3.59
CA VAL A 181 6.15 -15.79 2.31
C VAL A 181 5.86 -17.28 2.45
N ASP A 182 6.31 -17.88 3.54
CA ASP A 182 6.00 -19.28 3.80
C ASP A 182 4.50 -19.50 3.92
N ILE A 183 3.80 -18.60 4.62
CA ILE A 183 2.35 -18.69 4.69
C ILE A 183 1.75 -18.58 3.29
N TYR A 184 2.33 -17.72 2.45
CA TYR A 184 1.77 -17.47 1.12
C TYR A 184 1.84 -18.72 0.26
N PHE A 185 2.90 -19.51 0.40
CA PHE A 185 3.10 -20.69 -0.44
C PHE A 185 2.52 -21.96 0.16
N ARG A 186 2.01 -21.92 1.40
CA ARG A 186 1.31 -23.04 1.99
C ARG A 186 -0.19 -23.00 1.72
N ARG A 187 -0.79 -21.81 1.79
CA ARG A 187 -2.24 -21.67 1.66
C ARG A 187 -2.74 -22.01 0.26
N GLN A 188 -1.89 -21.86 -0.75
CA GLN A 188 -2.30 -22.00 -2.14
C GLN A 188 -2.18 -23.45 -2.58
N VAL A 189 -3.31 -24.06 -2.96
CA VAL A 189 -3.28 -25.42 -3.46
C VAL A 189 -2.45 -25.52 -4.73
N GLU A 190 -2.32 -24.41 -5.46
CA GLU A 190 -1.63 -24.42 -6.74
C GLU A 190 -0.11 -24.36 -6.57
N LEU A 191 0.38 -23.75 -5.50
CA LEU A 191 1.81 -23.68 -5.26
C LEU A 191 2.32 -24.87 -4.46
N SER A 192 1.59 -25.98 -4.46
CA SER A 192 1.99 -27.16 -3.70
C SER A 192 3.32 -27.72 -4.21
N THR A 193 3.44 -27.90 -5.52
CA THR A 193 4.68 -28.43 -6.09
C THR A 193 5.86 -27.51 -5.78
N MET A 194 5.63 -26.19 -5.81
CA MET A 194 6.69 -25.26 -5.47
C MET A 194 7.04 -25.34 -3.99
N TYR A 195 6.04 -25.27 -3.12
CA TYR A 195 6.32 -25.27 -1.68
C TYR A 195 6.98 -26.57 -1.24
N ARG A 196 6.66 -27.69 -1.90
CA ARG A 196 7.35 -28.93 -1.62
C ARG A 196 8.86 -28.76 -1.74
N HIS A 197 9.31 -28.20 -2.86
CA HIS A 197 10.74 -27.93 -3.04
C HIS A 197 11.26 -26.93 -2.02
N MET A 198 10.42 -25.99 -1.59
CA MET A 198 10.90 -24.88 -0.77
C MET A 198 11.08 -25.27 0.69
N GLU A 199 10.14 -26.03 1.25
CA GLU A 199 10.18 -26.33 2.68
C GLU A 199 11.44 -27.09 3.06
N LYS A 200 11.99 -27.88 2.14
CA LYS A 200 13.24 -28.59 2.40
C LYS A 200 14.47 -27.73 2.18
N HIS A 201 14.31 -26.44 1.90
CA HIS A 201 15.44 -25.57 1.64
C HIS A 201 15.32 -24.19 2.28
N ASN A 202 14.28 -23.91 3.06
CA ASN A 202 14.09 -22.57 3.60
C ASN A 202 15.19 -22.23 4.60
N TYR A 203 15.34 -20.93 4.86
CA TYR A 203 16.42 -20.41 5.68
C TYR A 203 15.87 -19.74 6.93
N GLU A 204 16.70 -19.71 7.97
CA GLU A 204 16.31 -19.13 9.24
C GLU A 204 16.23 -17.60 9.19
N SER A 205 16.82 -16.99 8.17
CA SER A 205 16.81 -15.54 8.06
C SER A 205 17.12 -15.15 6.62
N ALA A 206 16.71 -13.93 6.26
CA ALA A 206 16.97 -13.44 4.91
C ALA A 206 18.47 -13.27 4.67
N ALA A 207 19.19 -12.77 5.66
CA ALA A 207 20.63 -12.56 5.51
C ALA A 207 21.36 -13.85 5.21
N GLU A 208 20.96 -14.95 5.86
CA GLU A 208 21.58 -16.24 5.56
C GLU A 208 21.25 -16.69 4.14
N ALA A 209 19.99 -16.50 3.72
CA ALA A 209 19.60 -16.87 2.36
C ALA A 209 20.31 -15.98 1.35
N ILE A 210 20.31 -14.67 1.59
CA ILE A 210 20.99 -13.73 0.69
C ILE A 210 22.46 -14.11 0.55
N GLN A 211 23.13 -14.35 1.67
CA GLN A 211 24.52 -14.77 1.63
C GLN A 211 24.69 -16.10 0.90
N ALA A 212 23.71 -17.00 1.02
CA ALA A 212 23.80 -18.29 0.34
C ALA A 212 23.72 -18.13 -1.18
N VAL A 213 23.01 -17.11 -1.66
CA VAL A 213 22.93 -16.88 -3.11
C VAL A 213 24.28 -16.38 -3.63
N ARG A 214 24.95 -15.52 -2.87
CA ARG A 214 26.29 -15.08 -3.26
C ARG A 214 27.28 -16.24 -3.22
N ASP A 215 27.10 -17.18 -2.30
CA ASP A 215 27.94 -18.37 -2.23
C ASP A 215 27.52 -19.44 -3.22
N ASN A 216 26.49 -19.19 -4.03
CA ASN A 216 25.94 -20.09 -5.05
C ASN A 216 25.26 -21.32 -4.47
N LYS A 217 25.28 -21.51 -3.15
CA LYS A 217 24.56 -22.64 -2.55
C LYS A 217 23.06 -22.50 -2.70
N LEU A 218 22.56 -21.28 -2.83
CA LEU A 218 21.15 -21.01 -3.12
C LEU A 218 21.05 -20.31 -4.46
N HIS A 219 20.12 -20.76 -5.29
CA HIS A 219 20.01 -20.26 -6.65
C HIS A 219 18.92 -19.21 -6.84
N ALA A 220 17.90 -19.21 -5.99
CA ALA A 220 16.86 -18.19 -6.07
C ALA A 220 16.31 -17.94 -4.67
N PHE A 221 15.83 -16.72 -4.45
CA PHE A 221 15.31 -16.33 -3.14
C PHE A 221 14.02 -15.54 -3.36
N ILE A 222 12.90 -16.14 -2.98
CA ILE A 222 11.60 -15.48 -3.05
C ILE A 222 11.40 -14.72 -1.75
N TRP A 223 11.41 -13.39 -1.81
CA TRP A 223 11.38 -12.60 -0.59
C TRP A 223 10.82 -11.22 -0.90
N ASP A 224 10.78 -10.40 0.15
CA ASP A 224 10.22 -9.05 0.10
C ASP A 224 11.02 -8.14 -0.83
N SER A 225 10.35 -7.49 -1.76
CA SER A 225 11.05 -6.67 -2.75
C SER A 225 11.69 -5.43 -2.12
N ALA A 226 11.09 -4.89 -1.07
CA ALA A 226 11.72 -3.79 -0.35
C ALA A 226 13.08 -4.18 0.19
N VAL A 227 13.31 -5.47 0.43
CA VAL A 227 14.62 -5.94 0.88
C VAL A 227 15.47 -6.39 -0.29
N LEU A 228 14.89 -7.17 -1.20
CA LEU A 228 15.67 -7.77 -2.28
C LEU A 228 16.23 -6.71 -3.23
N GLU A 229 15.38 -5.76 -3.64
CA GLU A 229 15.84 -4.72 -4.54
C GLU A 229 16.95 -3.87 -3.90
N PHE A 230 16.78 -3.51 -2.62
CA PHE A 230 17.84 -2.81 -1.93
C PHE A 230 19.11 -3.64 -1.87
N GLU A 231 18.96 -4.96 -1.65
CA GLU A 231 20.11 -5.84 -1.64
C GLU A 231 20.77 -5.93 -3.02
N ALA A 232 20.04 -5.62 -4.08
CA ALA A 232 20.62 -5.59 -5.41
C ALA A 232 21.30 -4.25 -5.70
N SER A 233 20.70 -3.15 -5.22
CA SER A 233 21.29 -1.84 -5.45
C SER A 233 22.60 -1.66 -4.70
N GLN A 234 22.84 -2.44 -3.66
CA GLN A 234 24.10 -2.37 -2.91
C GLN A 234 25.07 -3.46 -3.34
N LYS A 235 24.67 -4.73 -3.23
CA LYS A 235 25.49 -5.84 -3.68
C LYS A 235 25.27 -6.03 -5.18
N CYS A 236 26.18 -5.49 -5.98
CA CYS A 236 26.05 -5.58 -7.43
C CYS A 236 26.34 -6.99 -7.97
N ASP A 237 26.81 -7.90 -7.13
CA ASP A 237 26.93 -9.30 -7.50
C ASP A 237 25.59 -10.03 -7.45
N LEU A 238 24.49 -9.28 -7.27
CA LEU A 238 23.16 -9.85 -7.19
C LEU A 238 22.19 -8.98 -7.98
N VAL A 239 21.16 -9.63 -8.54
CA VAL A 239 20.06 -8.94 -9.20
C VAL A 239 18.77 -9.68 -8.90
N THR A 240 17.66 -8.99 -9.08
CA THR A 240 16.34 -9.57 -8.89
C THR A 240 15.67 -9.80 -10.24
N THR A 241 14.44 -10.31 -10.18
CA THR A 241 13.67 -10.55 -11.39
C THR A 241 13.27 -9.24 -12.07
N GLY A 242 12.82 -8.27 -11.27
CA GLY A 242 12.21 -7.06 -11.77
C GLY A 242 10.70 -7.07 -11.71
N GLU A 243 10.10 -8.26 -11.75
CA GLU A 243 8.66 -8.42 -11.60
C GLU A 243 8.26 -8.29 -10.14
N LEU A 244 6.95 -8.12 -9.92
CA LEU A 244 6.34 -8.23 -8.60
C LEU A 244 5.10 -9.10 -8.77
N PHE A 245 5.28 -10.41 -8.58
CA PHE A 245 4.20 -11.37 -8.81
C PHE A 245 3.13 -11.33 -7.73
N PHE A 246 3.39 -10.66 -6.60
CA PHE A 246 2.41 -10.53 -5.55
C PHE A 246 2.75 -9.29 -4.74
N ARG A 247 1.71 -8.52 -4.39
CA ARG A 247 1.88 -7.26 -3.68
C ARG A 247 1.33 -7.37 -2.27
N SER A 248 2.04 -6.77 -1.32
CA SER A 248 1.65 -6.78 0.09
C SER A 248 2.31 -5.59 0.76
N GLY A 249 1.83 -5.26 1.96
CA GLY A 249 2.32 -4.11 2.67
C GLY A 249 2.78 -4.47 4.07
N PHE A 250 3.64 -3.60 4.61
CA PHE A 250 4.09 -3.73 5.99
C PHE A 250 3.22 -2.86 6.89
N GLY A 251 2.92 -3.37 8.08
CA GLY A 251 2.13 -2.62 9.03
C GLY A 251 2.70 -2.74 10.43
N ILE A 252 2.33 -1.76 11.27
CA ILE A 252 2.62 -1.84 12.69
C ILE A 252 1.69 -2.85 13.33
N GLY A 253 2.25 -3.72 14.18
CA GLY A 253 1.48 -4.75 14.85
C GLY A 253 1.20 -4.39 16.29
N MET A 254 -0.07 -4.44 16.67
CA MET A 254 -0.52 -4.22 18.03
C MET A 254 -1.50 -5.31 18.43
N ARG A 255 -1.70 -5.47 19.74
CA ARG A 255 -2.65 -6.45 20.23
C ARG A 255 -4.07 -6.01 19.90
N LYS A 256 -5.02 -6.91 20.17
CA LYS A 256 -6.40 -6.72 19.74
C LYS A 256 -7.08 -5.55 20.42
N ASP A 257 -6.52 -5.03 21.53
CA ASP A 257 -7.26 -4.08 22.35
C ASP A 257 -7.69 -2.87 21.52
N SER A 258 -6.82 -1.94 21.10
CA SER A 258 -5.52 -1.55 21.64
C SER A 258 -5.50 -0.03 21.58
N PRO A 259 -5.27 0.62 22.72
CA PRO A 259 -5.44 2.08 22.77
C PRO A 259 -4.57 2.83 21.78
N TRP A 260 -3.53 2.19 21.24
CA TRP A 260 -2.63 2.84 20.29
C TRP A 260 -3.03 2.64 18.84
N LYS A 261 -3.98 1.74 18.56
CA LYS A 261 -4.27 1.33 17.19
C LYS A 261 -4.65 2.52 16.32
N GLN A 262 -5.53 3.39 16.82
CA GLN A 262 -6.05 4.47 15.99
C GLN A 262 -4.98 5.52 15.72
N ASN A 263 -4.27 5.95 16.75
CA ASN A 263 -3.34 7.07 16.58
C ASN A 263 -2.08 6.64 15.84
N VAL A 264 -1.56 5.45 16.13
CA VAL A 264 -0.45 4.92 15.33
C VAL A 264 -0.84 4.92 13.85
N SER A 265 -2.05 4.43 13.56
CA SER A 265 -2.51 4.37 12.17
C SER A 265 -2.70 5.77 11.60
N LEU A 266 -3.35 6.66 12.36
CA LEU A 266 -3.50 8.05 11.91
C LEU A 266 -2.14 8.70 11.67
N SER A 267 -1.12 8.28 12.40
CA SER A 267 0.19 8.89 12.26
C SER A 267 0.95 8.33 11.07
N ILE A 268 0.71 7.07 10.71
CA ILE A 268 1.28 6.52 9.48
C ILE A 268 0.72 7.27 8.28
N LEU A 269 -0.61 7.50 8.27
CA LEU A 269 -1.22 8.24 7.17
C LEU A 269 -0.67 9.66 7.08
N LYS A 270 -0.52 10.32 8.23
CA LYS A 270 0.06 11.66 8.24
C LYS A 270 1.49 11.66 7.69
N SER A 271 2.26 10.63 8.04
CA SER A 271 3.67 10.58 7.62
C SER A 271 3.81 10.34 6.12
N HIS A 272 2.89 9.59 5.52
CA HIS A 272 2.87 9.47 4.07
C HIS A 272 2.59 10.81 3.43
N GLU A 273 1.58 11.52 3.95
CA GLU A 273 1.05 12.70 3.28
C GLU A 273 1.94 13.93 3.40
N ASN A 274 2.81 14.00 4.41
CA ASN A 274 3.67 15.16 4.60
C ASN A 274 5.10 14.91 4.10
N GLY A 275 5.32 13.85 3.34
CA GLY A 275 6.63 13.57 2.79
C GLY A 275 7.59 12.88 3.72
N PHE A 276 7.20 12.60 4.96
CA PHE A 276 8.09 11.92 5.90
C PHE A 276 8.48 10.54 5.39
N MET A 277 7.50 9.75 4.93
CA MET A 277 7.80 8.41 4.44
C MET A 277 8.73 8.46 3.24
N GLU A 278 8.57 9.46 2.37
CA GLU A 278 9.47 9.60 1.23
C GLU A 278 10.89 9.89 1.69
N ASP A 279 11.05 10.79 2.66
CA ASP A 279 12.38 11.07 3.17
C ASP A 279 13.00 9.82 3.78
N LEU A 280 12.19 9.00 4.45
CA LEU A 280 12.68 7.72 4.96
C LEU A 280 13.13 6.82 3.82
N ASP A 281 12.30 6.71 2.79
CA ASP A 281 12.67 5.94 1.60
C ASP A 281 13.95 6.47 0.98
N LYS A 282 14.08 7.81 0.90
CA LYS A 282 15.30 8.39 0.36
C LYS A 282 16.51 8.06 1.22
N THR A 283 16.32 7.96 2.53
CA THR A 283 17.45 7.70 3.43
C THR A 283 17.89 6.24 3.41
N TRP A 284 16.95 5.30 3.35
CA TRP A 284 17.24 3.91 3.62
C TRP A 284 17.06 2.97 2.44
N VAL A 285 16.07 3.20 1.58
CA VAL A 285 15.74 2.25 0.52
C VAL A 285 16.26 2.67 -0.85
N ARG A 286 16.44 3.96 -1.11
CA ARG A 286 16.95 4.42 -2.40
C ARG A 286 18.45 4.68 -2.35
N ASP B 3 -31.62 -4.61 10.34
CA ASP B 3 -30.85 -5.85 10.31
C ASP B 3 -29.57 -5.66 9.51
N ASN B 4 -29.19 -6.69 8.74
CA ASN B 4 -27.98 -6.66 7.94
C ASN B 4 -28.24 -6.27 6.49
N HIS B 5 -29.20 -5.38 6.26
CA HIS B 5 -29.42 -4.77 4.95
C HIS B 5 -28.86 -3.35 5.00
N LEU B 6 -27.90 -3.06 4.13
CA LEU B 6 -27.02 -1.90 4.30
C LEU B 6 -27.25 -0.86 3.21
N SER B 7 -27.19 0.41 3.61
CA SER B 7 -27.18 1.52 2.66
C SER B 7 -25.74 1.80 2.25
N ILE B 8 -25.48 1.80 0.95
CA ILE B 8 -24.13 1.93 0.43
C ILE B 8 -24.10 3.00 -0.65
N VAL B 9 -23.22 3.99 -0.47
CA VAL B 9 -23.05 5.07 -1.44
C VAL B 9 -21.85 4.75 -2.31
N THR B 10 -21.92 5.18 -3.57
CA THR B 10 -20.82 5.03 -4.52
C THR B 10 -20.73 6.30 -5.36
N LEU B 11 -19.83 6.29 -6.34
CA LEU B 11 -19.54 7.46 -7.14
C LEU B 11 -18.92 7.00 -8.45
N GLU B 12 -19.42 7.51 -9.57
CA GLU B 12 -18.94 7.06 -10.87
C GLU B 12 -17.50 7.51 -11.10
N GLU B 13 -16.64 6.55 -11.47
CA GLU B 13 -15.28 6.83 -11.90
C GLU B 13 -14.69 5.59 -12.56
N ALA B 14 -14.84 5.47 -13.87
CA ALA B 14 -14.35 4.31 -14.59
C ALA B 14 -12.83 4.19 -14.41
N PRO B 15 -12.29 2.98 -14.30
CA PRO B 15 -12.98 1.69 -14.41
C PRO B 15 -13.46 1.13 -13.07
N PHE B 16 -13.39 1.95 -12.02
CA PHE B 16 -13.73 1.46 -10.69
C PHE B 16 -15.24 1.40 -10.49
N VAL B 17 -15.96 2.44 -10.89
CA VAL B 17 -17.41 2.44 -10.93
C VAL B 17 -17.82 2.98 -12.30
N ILE B 18 -18.58 2.19 -13.05
CA ILE B 18 -19.11 2.58 -14.35
C ILE B 18 -20.63 2.53 -14.28
N VAL B 19 -21.28 3.58 -14.76
CA VAL B 19 -22.72 3.74 -14.64
C VAL B 19 -23.35 3.64 -16.03
N GLU B 20 -24.45 2.90 -16.12
CA GLU B 20 -25.18 2.71 -17.36
C GLU B 20 -26.66 2.94 -17.13
N ASP B 21 -27.37 3.32 -18.20
CA ASP B 21 -28.82 3.41 -18.10
C ASP B 21 -29.44 2.01 -18.04
N ILE B 22 -30.68 1.95 -17.58
CA ILE B 22 -31.38 0.68 -17.48
C ILE B 22 -31.65 0.13 -18.88
N ASP B 23 -31.77 -1.19 -18.98
CA ASP B 23 -32.21 -1.82 -20.22
C ASP B 23 -33.66 -1.39 -20.48
N PRO B 24 -34.01 -1.02 -21.72
CA PRO B 24 -35.27 -0.27 -21.93
C PRO B 24 -36.59 -0.84 -21.36
N LEU B 25 -37.00 -2.12 -21.54
CA LEU B 25 -36.35 -3.40 -21.86
C LEU B 25 -35.46 -3.87 -20.71
N THR B 28 -34.82 -3.73 -15.40
CA THR B 28 -33.86 -4.68 -14.84
C THR B 28 -32.43 -4.38 -15.29
N CYS B 29 -31.47 -4.60 -14.39
CA CYS B 29 -30.07 -4.35 -14.70
C CYS B 29 -29.46 -5.61 -15.30
N VAL B 30 -28.45 -5.41 -16.13
CA VAL B 30 -28.29 -6.25 -17.31
C VAL B 30 -27.62 -7.58 -16.97
N ARG B 31 -26.38 -7.54 -16.49
CA ARG B 31 -25.45 -8.66 -16.61
C ARG B 31 -24.36 -8.59 -15.54
N ASN B 32 -23.47 -7.63 -15.71
CA ASN B 32 -22.32 -7.37 -14.87
C ASN B 32 -22.62 -6.29 -13.86
N THR B 33 -23.76 -5.64 -14.00
CA THR B 33 -24.14 -4.48 -13.23
C THR B 33 -24.96 -4.88 -12.01
N VAL B 34 -25.05 -3.95 -11.07
CA VAL B 34 -25.97 -4.07 -9.95
C VAL B 34 -26.85 -2.82 -9.99
N PRO B 35 -28.06 -2.89 -9.44
CA PRO B 35 -28.92 -1.70 -9.41
C PRO B 35 -28.34 -0.65 -8.47
N CYS B 36 -28.25 0.59 -8.98
CA CYS B 36 -27.79 1.73 -8.19
C CYS B 36 -28.64 2.94 -8.56
N ARG B 37 -29.35 3.49 -7.58
CA ARG B 37 -30.24 4.61 -7.82
C ARG B 37 -29.49 5.93 -7.68
N LYS B 38 -29.99 6.95 -8.36
CA LYS B 38 -29.39 8.28 -8.35
C LYS B 38 -30.49 9.31 -8.22
N PHE B 39 -30.42 10.16 -7.19
CA PHE B 39 -31.39 11.22 -7.00
C PHE B 39 -31.03 12.38 -7.92
N VAL B 40 -31.84 12.60 -8.95
CA VAL B 40 -31.56 13.58 -9.99
C VAL B 40 -32.41 14.81 -9.74
N LYS B 41 -31.77 15.98 -9.75
CA LYS B 41 -32.50 17.22 -9.52
C LYS B 41 -33.39 17.56 -10.71
N ILE B 42 -34.48 18.27 -10.43
CA ILE B 42 -35.37 18.73 -11.49
C ILE B 42 -34.82 19.98 -12.15
N ASN B 43 -34.36 20.93 -11.35
CA ASN B 43 -33.58 22.07 -11.83
C ASN B 43 -32.61 22.46 -10.72
N ASN B 44 -31.85 23.52 -10.97
CA ASN B 44 -30.84 23.97 -10.02
C ASN B 44 -31.36 25.01 -9.04
N SER B 45 -32.65 25.30 -9.07
CA SER B 45 -33.27 26.26 -8.15
C SER B 45 -34.18 25.58 -7.13
N THR B 46 -34.07 24.27 -6.98
CA THR B 46 -34.94 23.53 -6.07
C THR B 46 -34.22 22.28 -5.58
N ASN B 47 -34.59 21.84 -4.39
CA ASN B 47 -34.14 20.56 -3.87
C ASN B 47 -35.00 19.40 -4.36
N GLU B 48 -36.02 19.68 -5.17
CA GLU B 48 -36.94 18.67 -5.66
C GLU B 48 -36.28 17.81 -6.73
N GLY B 49 -36.53 16.51 -6.67
CA GLY B 49 -35.90 15.60 -7.61
C GLY B 49 -36.59 14.25 -7.64
N MET B 50 -36.02 13.36 -8.44
CA MET B 50 -36.58 12.04 -8.68
C MET B 50 -35.48 10.99 -8.60
N ASN B 51 -35.81 9.86 -7.96
CA ASN B 51 -34.88 8.73 -7.89
C ASN B 51 -34.84 8.04 -9.25
N VAL B 52 -33.71 8.16 -9.94
CA VAL B 52 -33.50 7.49 -11.22
C VAL B 52 -32.80 6.16 -10.95
N LYS B 53 -33.29 5.11 -11.61
CA LYS B 53 -32.63 3.81 -11.57
C LYS B 53 -31.55 3.73 -12.64
N LYS B 54 -30.41 3.18 -12.26
CA LYS B 54 -29.30 2.99 -13.18
C LYS B 54 -28.62 1.67 -12.86
N CYS B 55 -27.53 1.38 -13.56
CA CYS B 55 -26.83 0.11 -13.41
C CYS B 55 -25.34 0.36 -13.26
N CYS B 56 -24.74 -0.21 -12.22
CA CYS B 56 -23.36 0.03 -11.85
C CYS B 56 -22.54 -1.24 -11.99
N LYS B 57 -21.40 -1.12 -12.68
CA LYS B 57 -20.44 -2.21 -12.77
C LYS B 57 -19.05 -1.62 -12.57
N GLY B 58 -18.05 -2.50 -12.53
CA GLY B 58 -16.68 -2.06 -12.46
C GLY B 58 -15.91 -2.76 -11.36
N PHE B 59 -14.63 -2.40 -11.26
CA PHE B 59 -13.72 -3.00 -10.30
C PHE B 59 -14.28 -2.97 -8.89
N CYS B 60 -14.59 -1.78 -8.38
CA CYS B 60 -15.11 -1.67 -7.03
C CYS B 60 -16.47 -2.34 -6.88
N ILE B 61 -17.27 -2.37 -7.96
CA ILE B 61 -18.55 -3.05 -7.89
C ILE B 61 -18.35 -4.55 -7.70
N ASP B 62 -17.40 -5.14 -8.43
CA ASP B 62 -17.08 -6.55 -8.21
C ASP B 62 -16.62 -6.79 -6.79
N ILE B 63 -15.83 -5.86 -6.24
CA ILE B 63 -15.47 -5.93 -4.82
C ILE B 63 -16.72 -5.97 -3.96
N LEU B 64 -17.68 -5.10 -4.26
CA LEU B 64 -18.92 -5.06 -3.49
C LEU B 64 -19.65 -6.39 -3.55
N LYS B 65 -19.71 -6.99 -4.74
CA LYS B 65 -20.38 -8.27 -4.89
C LYS B 65 -19.67 -9.36 -4.11
N LYS B 66 -18.33 -9.36 -4.14
CA LYS B 66 -17.57 -10.38 -3.41
C LYS B 66 -17.73 -10.20 -1.91
N LEU B 67 -17.80 -8.95 -1.44
CA LEU B 67 -18.01 -8.70 -0.02
C LEU B 67 -19.41 -9.11 0.40
N SER B 68 -20.41 -8.84 -0.43
CA SER B 68 -21.78 -9.21 -0.12
C SER B 68 -21.92 -10.73 0.02
N ARG B 69 -21.26 -11.49 -0.86
CA ARG B 69 -21.33 -12.94 -0.77
C ARG B 69 -20.55 -13.46 0.42
N THR B 70 -19.42 -12.82 0.76
CA THR B 70 -18.56 -13.32 1.81
C THR B 70 -19.00 -12.86 3.20
N VAL B 71 -19.10 -11.54 3.40
CA VAL B 71 -19.54 -10.99 4.68
C VAL B 71 -21.03 -11.20 4.90
N LYS B 72 -21.75 -11.68 3.89
CA LYS B 72 -23.17 -12.03 3.99
C LYS B 72 -24.02 -10.84 4.40
N PHE B 73 -24.31 -9.96 3.46
CA PHE B 73 -25.21 -8.83 3.67
C PHE B 73 -25.87 -8.46 2.36
N THR B 74 -27.01 -7.77 2.46
CA THR B 74 -27.71 -7.20 1.33
C THR B 74 -27.62 -5.68 1.39
N TYR B 75 -27.83 -5.02 0.25
CA TYR B 75 -27.54 -3.60 0.19
C TYR B 75 -28.39 -2.89 -0.85
N ASP B 76 -28.61 -1.59 -0.62
CA ASP B 76 -29.17 -0.67 -1.60
C ASP B 76 -28.07 0.29 -2.00
N LEU B 77 -27.55 0.13 -3.22
CA LEU B 77 -26.50 1.00 -3.72
C LEU B 77 -27.10 2.28 -4.30
N TYR B 78 -26.43 3.41 -4.06
CA TYR B 78 -26.86 4.66 -4.65
C TYR B 78 -25.65 5.56 -4.90
N LEU B 79 -25.76 6.42 -5.92
CA LEU B 79 -24.69 7.32 -6.30
C LEU B 79 -24.83 8.65 -5.58
N VAL B 80 -23.68 9.21 -5.20
CA VAL B 80 -23.67 10.46 -4.45
C VAL B 80 -24.11 11.61 -5.35
N THR B 81 -25.06 12.41 -4.87
CA THR B 81 -25.62 13.50 -5.66
C THR B 81 -24.87 14.82 -5.46
N ASN B 82 -24.23 15.02 -4.32
CA ASN B 82 -23.61 16.29 -3.96
C ASN B 82 -22.15 16.06 -3.62
N GLY B 83 -21.26 16.50 -4.50
CA GLY B 83 -19.84 16.33 -4.29
C GLY B 83 -19.28 15.11 -4.98
N LYS B 84 -17.99 14.88 -4.75
CA LYS B 84 -17.30 13.72 -5.33
C LYS B 84 -16.93 12.71 -4.25
N HIS B 85 -15.64 12.59 -3.98
CA HIS B 85 -15.18 11.58 -3.02
C HIS B 85 -15.41 12.02 -1.58
N GLY B 86 -15.20 13.29 -1.28
CA GLY B 86 -15.35 13.77 0.08
C GLY B 86 -14.42 14.93 0.37
N LYS B 87 -15.00 16.07 0.73
CA LYS B 87 -14.21 17.26 1.03
C LYS B 87 -14.91 18.04 2.13
N LYS B 88 -14.15 18.38 3.17
CA LYS B 88 -14.66 19.17 4.27
C LYS B 88 -14.75 20.63 3.83
N VAL B 89 -15.97 21.12 3.65
CA VAL B 89 -16.22 22.50 3.24
C VAL B 89 -16.83 23.23 4.44
N ASN B 90 -16.07 24.17 5.02
CA ASN B 90 -16.49 24.89 6.21
C ASN B 90 -16.82 23.92 7.34
N ASN B 91 -15.91 22.97 7.56
CA ASN B 91 -16.04 21.90 8.54
C ASN B 91 -17.26 21.01 8.28
N VAL B 92 -17.81 21.05 7.07
CA VAL B 92 -18.97 20.25 6.70
C VAL B 92 -18.60 19.37 5.51
N TRP B 93 -18.65 18.05 5.71
CA TRP B 93 -18.28 17.10 4.68
C TRP B 93 -19.34 17.00 3.59
N ASN B 94 -18.89 16.79 2.36
CA ASN B 94 -19.78 16.41 1.28
C ASN B 94 -19.32 15.09 0.67
N GLY B 95 -19.82 14.77 -0.53
CA GLY B 95 -19.34 13.60 -1.25
C GLY B 95 -19.66 12.29 -0.54
N MET B 96 -18.95 11.25 -0.96
CA MET B 96 -19.15 9.92 -0.39
C MET B 96 -18.88 9.91 1.12
N ILE B 97 -17.85 10.64 1.55
CA ILE B 97 -17.54 10.70 2.98
C ILE B 97 -18.69 11.34 3.74
N GLY B 98 -19.30 12.38 3.15
CA GLY B 98 -20.43 13.03 3.81
C GLY B 98 -21.59 12.09 4.07
N GLU B 99 -21.89 11.21 3.11
CA GLU B 99 -22.98 10.26 3.29
C GLU B 99 -22.72 9.32 4.47
N VAL B 100 -21.44 9.07 4.79
CA VAL B 100 -21.14 8.19 5.91
C VAL B 100 -21.17 8.95 7.22
N VAL B 101 -20.48 10.09 7.29
CA VAL B 101 -20.37 10.81 8.56
C VAL B 101 -21.75 11.21 9.06
N TYR B 102 -22.67 11.55 8.15
CA TYR B 102 -24.01 11.96 8.52
C TYR B 102 -25.00 10.82 8.42
N GLN B 103 -24.51 9.59 8.22
CA GLN B 103 -25.26 8.36 8.47
C GLN B 103 -26.42 8.16 7.50
N ARG B 104 -26.29 8.63 6.27
CA ARG B 104 -27.17 8.17 5.20
C ARG B 104 -26.68 6.89 4.55
N ALA B 105 -25.40 6.56 4.73
CA ALA B 105 -24.81 5.33 4.22
C ALA B 105 -23.98 4.68 5.31
N VAL B 106 -24.03 3.34 5.39
CA VAL B 106 -23.20 2.62 6.34
C VAL B 106 -21.84 2.28 5.76
N MET B 107 -21.65 2.39 4.45
CA MET B 107 -20.33 2.23 3.87
C MET B 107 -20.31 2.86 2.49
N ALA B 108 -19.10 3.24 2.06
CA ALA B 108 -18.88 3.89 0.76
C ALA B 108 -17.94 3.03 -0.07
N VAL B 109 -18.35 2.72 -1.29
CA VAL B 109 -17.61 1.84 -2.18
C VAL B 109 -17.25 2.62 -3.44
N GLY B 110 -15.96 2.72 -3.72
CA GLY B 110 -15.52 3.40 -4.92
C GLY B 110 -14.03 3.64 -4.90
N SER B 111 -13.59 4.57 -5.75
CA SER B 111 -12.19 4.99 -5.79
C SER B 111 -11.93 6.03 -4.70
N LEU B 112 -12.13 5.61 -3.46
CA LEU B 112 -12.10 6.49 -2.29
C LEU B 112 -10.75 6.35 -1.61
N THR B 113 -9.95 7.40 -1.67
CA THR B 113 -8.59 7.38 -1.17
C THR B 113 -8.57 7.49 0.36
N ILE B 114 -7.81 6.60 1.00
CA ILE B 114 -7.61 6.66 2.45
C ILE B 114 -6.60 7.74 2.78
N ASN B 115 -7.03 8.75 3.53
CA ASN B 115 -6.11 9.78 4.02
C ASN B 115 -6.35 10.00 5.51
N GLU B 116 -5.59 10.93 6.09
CA GLU B 116 -5.65 11.16 7.53
C GLU B 116 -6.92 11.89 7.92
N GLU B 117 -7.28 12.95 7.18
CA GLU B 117 -8.43 13.76 7.53
C GLU B 117 -9.71 12.92 7.58
N ARG B 118 -9.92 12.10 6.56
CA ARG B 118 -11.13 11.27 6.52
C ARG B 118 -11.09 10.19 7.59
N SER B 119 -9.91 9.65 7.89
CA SER B 119 -9.82 8.60 8.90
C SER B 119 -10.15 9.12 10.29
N GLU B 120 -10.16 10.44 10.49
CA GLU B 120 -10.58 10.99 11.77
C GLU B 120 -12.09 10.91 11.95
N VAL B 121 -12.85 11.03 10.86
CA VAL B 121 -14.31 11.06 10.94
C VAL B 121 -14.96 9.76 10.47
N VAL B 122 -14.25 8.90 9.76
CA VAL B 122 -14.77 7.62 9.31
C VAL B 122 -13.72 6.54 9.59
N ASP B 123 -14.16 5.29 9.49
CA ASP B 123 -13.25 4.16 9.53
C ASP B 123 -13.03 3.65 8.11
N PHE B 124 -11.78 3.32 7.79
CA PHE B 124 -11.42 2.79 6.49
C PHE B 124 -10.99 1.34 6.63
N SER B 125 -11.48 0.51 5.71
CA SER B 125 -11.00 -0.87 5.60
C SER B 125 -9.53 -0.87 5.20
N VAL B 126 -8.94 -2.05 5.09
CA VAL B 126 -7.60 -2.17 4.52
C VAL B 126 -7.68 -1.68 3.07
N PRO B 127 -6.60 -1.12 2.52
CA PRO B 127 -6.65 -0.69 1.12
C PRO B 127 -6.70 -1.90 0.18
N PHE B 128 -7.58 -1.83 -0.81
CA PHE B 128 -7.71 -2.92 -1.76
C PHE B 128 -7.05 -2.63 -3.11
N VAL B 129 -6.62 -1.41 -3.36
CA VAL B 129 -5.73 -1.10 -4.49
C VAL B 129 -4.81 0.02 -4.08
N GLU B 130 -3.55 -0.10 -4.47
CA GLU B 130 -2.57 0.94 -4.17
C GLU B 130 -2.81 2.17 -5.04
N THR B 131 -2.64 3.34 -4.44
CA THR B 131 -2.69 4.60 -5.18
C THR B 131 -1.79 5.61 -4.47
N GLY B 132 -1.81 6.84 -4.95
CA GLY B 132 -0.95 7.87 -4.43
C GLY B 132 -0.92 9.05 -5.39
N ILE B 133 0.11 9.88 -5.23
CA ILE B 133 0.34 11.00 -6.12
C ILE B 133 1.47 10.60 -7.07
N SER B 134 1.13 10.45 -8.35
CA SER B 134 2.07 10.00 -9.36
C SER B 134 2.19 11.04 -10.46
N VAL B 135 3.08 10.79 -11.41
CA VAL B 135 3.36 11.69 -12.53
C VAL B 135 3.25 10.92 -13.83
N MET B 136 2.61 11.51 -14.83
CA MET B 136 2.51 10.94 -16.15
C MET B 136 3.11 11.90 -17.17
N VAL B 137 3.93 11.37 -18.06
CA VAL B 137 4.63 12.14 -19.08
C VAL B 137 4.48 11.42 -20.42
N SER B 138 5.02 12.05 -21.46
CA SER B 138 5.19 11.35 -22.73
C SER B 138 6.48 10.53 -22.68
N ARG B 139 6.49 9.44 -23.44
CA ARG B 139 7.68 8.60 -23.49
C ARG B 139 8.90 9.42 -23.90
N GLY B 140 9.97 9.29 -23.13
CA GLY B 140 11.19 10.03 -23.37
C GLY B 140 11.47 11.13 -22.37
N THR B 141 10.51 11.51 -21.54
CA THR B 141 10.73 12.52 -20.51
C THR B 141 11.23 11.85 -19.24
N GLN B 142 12.24 12.47 -18.63
CA GLN B 142 12.95 11.88 -17.50
C GLN B 142 12.63 12.66 -16.24
N VAL B 143 11.77 12.12 -15.40
CA VAL B 143 11.42 12.71 -14.12
C VAL B 143 11.31 11.60 -13.08
N THR B 144 11.64 11.94 -11.83
CA THR B 144 11.64 10.95 -10.76
C THR B 144 10.25 10.75 -10.19
N GLY B 145 9.76 11.72 -9.43
CA GLY B 145 8.42 11.69 -8.88
C GLY B 145 7.92 13.10 -8.61
N LEU B 146 6.99 13.24 -7.66
CA LEU B 146 6.51 14.57 -7.30
C LEU B 146 7.64 15.44 -6.78
N SER B 147 8.51 14.88 -5.94
CA SER B 147 9.56 15.66 -5.28
C SER B 147 10.78 15.90 -6.17
N ASP B 148 10.67 15.68 -7.48
CA ASP B 148 11.78 15.98 -8.38
C ASP B 148 12.10 17.48 -8.34
N LYS B 149 13.39 17.78 -8.47
CA LYS B 149 13.81 19.18 -8.44
C LYS B 149 13.21 20.00 -9.57
N LYS B 150 12.95 19.37 -10.72
CA LYS B 150 12.29 20.07 -11.82
C LYS B 150 10.82 20.34 -11.54
N PHE B 151 10.29 19.86 -10.42
CA PHE B 151 8.95 20.21 -9.97
C PHE B 151 8.96 21.18 -8.79
N GLN B 152 9.95 21.07 -7.90
CA GLN B 152 10.01 21.92 -6.72
C GLN B 152 10.55 23.31 -7.05
N ARG B 153 11.53 23.39 -7.96
CA ARG B 153 12.09 24.65 -8.44
C ARG B 153 12.09 24.64 -9.96
N PRO B 154 10.93 24.89 -10.58
CA PRO B 154 10.86 24.74 -12.05
C PRO B 154 11.82 25.64 -12.80
N HIS B 155 12.08 26.84 -12.29
CA HIS B 155 12.91 27.81 -13.00
C HIS B 155 14.40 27.56 -12.83
N ASP B 156 14.79 26.49 -12.12
CA ASP B 156 16.17 26.05 -12.15
C ASP B 156 16.54 25.38 -13.46
N TYR B 157 15.60 25.28 -14.40
CA TYR B 157 15.79 24.62 -15.68
C TYR B 157 15.25 25.51 -16.79
N SER B 158 15.94 25.50 -17.93
CA SER B 158 15.56 26.31 -19.08
C SER B 158 15.37 25.42 -20.30
N PRO B 159 14.14 25.31 -20.84
CA PRO B 159 12.97 26.01 -20.30
C PRO B 159 12.41 25.28 -19.10
N PRO B 160 11.62 25.97 -18.28
CA PRO B 160 10.98 25.29 -17.14
C PRO B 160 9.98 24.26 -17.62
N PHE B 161 9.90 23.15 -16.89
CA PHE B 161 8.92 22.13 -17.22
C PHE B 161 7.51 22.68 -17.05
N ARG B 162 6.61 22.28 -17.95
CA ARG B 162 5.20 22.64 -17.89
C ARG B 162 4.42 21.46 -17.32
N PHE B 163 3.84 21.64 -16.13
CA PHE B 163 3.18 20.55 -15.46
C PHE B 163 2.08 21.09 -14.57
N GLY B 164 1.01 20.32 -14.44
CA GLY B 164 -0.11 20.73 -13.62
C GLY B 164 -0.95 19.54 -13.23
N THR B 165 -2.02 19.83 -12.49
CA THR B 165 -2.98 18.83 -12.08
C THR B 165 -4.38 19.40 -12.26
N VAL B 166 -5.39 18.63 -11.86
CA VAL B 166 -6.77 19.11 -11.83
C VAL B 166 -7.02 19.71 -10.45
N PRO B 167 -7.38 20.98 -10.34
CA PRO B 167 -7.42 21.64 -9.02
C PRO B 167 -8.62 21.20 -8.20
N ASN B 168 -8.60 21.63 -6.93
CA ASN B 168 -9.67 21.45 -5.95
C ASN B 168 -9.83 20.00 -5.49
N GLY B 169 -8.83 19.16 -5.74
CA GLY B 169 -8.84 17.80 -5.25
C GLY B 169 -7.80 17.57 -4.18
N SER B 170 -7.60 16.29 -3.86
CA SER B 170 -6.59 15.92 -2.87
C SER B 170 -5.18 16.18 -3.39
N THR B 171 -4.97 16.14 -4.71
CA THR B 171 -3.64 16.37 -5.26
C THR B 171 -3.21 17.82 -5.04
N GLU B 172 -4.03 18.77 -5.52
CA GLU B 172 -3.68 20.17 -5.33
C GLU B 172 -3.52 20.51 -3.86
N ARG B 173 -4.40 19.97 -3.01
CA ARG B 173 -4.30 20.26 -1.59
C ARG B 173 -3.01 19.71 -1.00
N ASN B 174 -2.63 18.50 -1.40
CA ASN B 174 -1.39 17.91 -0.91
C ASN B 174 -0.17 18.72 -1.35
N ILE B 175 -0.13 19.15 -2.61
CA ILE B 175 1.02 19.89 -3.12
C ILE B 175 1.12 21.25 -2.46
N ARG B 176 -0.03 21.90 -2.23
CA ARG B 176 -0.02 23.23 -1.63
C ARG B 176 0.58 23.21 -0.23
N ASN B 177 0.28 22.17 0.55
CA ASN B 177 0.80 22.09 1.90
C ASN B 177 2.25 21.63 1.95
N ASN B 178 2.69 20.82 0.99
CA ASN B 178 4.02 20.23 1.03
C ASN B 178 5.04 21.04 0.24
N TYR B 179 4.68 21.54 -0.93
CA TYR B 179 5.57 22.33 -1.78
C TYR B 179 4.86 23.60 -2.20
N PRO B 180 4.97 24.66 -1.41
CA PRO B 180 4.19 25.88 -1.72
C PRO B 180 4.58 26.54 -3.03
N TYR B 181 5.87 26.60 -3.36
CA TYR B 181 6.25 27.26 -4.62
C TYR B 181 5.89 26.39 -5.83
N MET B 182 5.99 25.07 -5.71
CA MET B 182 5.51 24.21 -6.78
C MET B 182 4.04 24.48 -7.07
N HIS B 183 3.22 24.46 -6.02
CA HIS B 183 1.80 24.75 -6.20
C HIS B 183 1.58 26.14 -6.80
N GLN B 184 2.42 27.10 -6.43
CA GLN B 184 2.26 28.45 -6.96
C GLN B 184 2.54 28.50 -8.46
N TYR B 185 3.64 27.86 -8.89
CA TYR B 185 3.99 27.85 -10.30
C TYR B 185 3.00 27.04 -11.13
N MET B 186 2.59 25.88 -10.63
CA MET B 186 1.79 24.95 -11.43
C MET B 186 0.33 25.37 -11.55
N THR B 187 -0.11 26.39 -10.82
CA THR B 187 -1.46 26.92 -11.00
C THR B 187 -1.72 27.29 -12.46
N ARG B 188 -0.72 27.88 -13.12
CA ARG B 188 -0.88 28.34 -14.50
C ARG B 188 -1.26 27.20 -15.43
N PHE B 189 -0.90 25.96 -15.09
CA PHE B 189 -1.13 24.81 -15.96
C PHE B 189 -2.24 23.89 -15.43
N ASN B 190 -3.19 24.44 -14.68
CA ASN B 190 -4.29 23.64 -14.16
C ASN B 190 -5.12 23.07 -15.30
N GLN B 191 -5.44 21.78 -15.18
CA GLN B 191 -6.18 21.07 -16.21
C GLN B 191 -7.65 20.94 -15.82
N ARG B 192 -8.49 20.90 -16.85
CA ARG B 192 -9.94 20.83 -16.64
C ARG B 192 -10.33 19.48 -16.08
N GLY B 193 -9.69 18.42 -16.56
CA GLY B 193 -9.97 17.08 -16.09
C GLY B 193 -8.88 16.14 -16.54
N VAL B 194 -9.10 14.84 -16.28
CA VAL B 194 -8.11 13.84 -16.65
C VAL B 194 -7.93 13.79 -18.16
N GLU B 195 -9.04 13.71 -18.89
CA GLU B 195 -8.95 13.58 -20.35
C GLU B 195 -8.29 14.81 -20.98
N ASP B 196 -8.61 16.00 -20.48
CA ASP B 196 -7.98 17.21 -21.01
C ASP B 196 -6.48 17.21 -20.78
N ALA B 197 -6.05 16.74 -19.60
CA ALA B 197 -4.62 16.66 -19.34
C ALA B 197 -3.93 15.68 -20.27
N LEU B 198 -4.57 14.55 -20.57
CA LEU B 198 -4.01 13.60 -21.52
C LEU B 198 -3.80 14.25 -22.87
N VAL B 199 -4.84 14.92 -23.39
CA VAL B 199 -4.73 15.57 -24.69
C VAL B 199 -3.64 16.64 -24.65
N SER B 200 -3.49 17.33 -23.52
CA SER B 200 -2.44 18.34 -23.41
C SER B 200 -1.06 17.71 -23.48
N LEU B 201 -0.87 16.54 -22.87
CA LEU B 201 0.40 15.85 -22.98
C LEU B 201 0.62 15.33 -24.40
N LYS B 202 -0.44 14.78 -25.02
CA LYS B 202 -0.31 14.20 -26.35
C LYS B 202 0.02 15.24 -27.41
N THR B 203 -0.49 16.46 -27.28
CA THR B 203 -0.26 17.51 -28.26
C THR B 203 0.89 18.42 -27.89
N GLY B 204 1.60 18.14 -26.81
CA GLY B 204 2.83 18.84 -26.48
C GLY B 204 2.67 20.12 -25.69
N LYS B 205 1.44 20.49 -25.31
CA LYS B 205 1.25 21.70 -24.50
C LYS B 205 1.57 21.47 -23.04
N LEU B 206 1.59 20.21 -22.58
CA LEU B 206 1.94 19.87 -21.22
C LEU B 206 3.12 18.92 -21.23
N ASP B 207 4.02 19.08 -20.26
CA ASP B 207 5.15 18.17 -20.11
C ASP B 207 4.90 17.08 -19.07
N ALA B 208 4.07 17.33 -18.08
CA ALA B 208 3.78 16.34 -17.05
C ALA B 208 2.43 16.63 -16.42
N PHE B 209 1.77 15.57 -15.94
CA PHE B 209 0.46 15.68 -15.29
C PHE B 209 0.52 14.89 -13.99
N ILE B 210 0.27 15.57 -12.88
CA ILE B 210 0.42 15.01 -11.54
C ILE B 210 -0.96 14.65 -11.02
N TYR B 211 -1.16 13.39 -10.61
CA TYR B 211 -2.51 12.96 -10.27
C TYR B 211 -2.48 11.63 -9.53
N ASP B 212 -3.66 11.21 -9.11
CA ASP B 212 -3.98 9.87 -8.62
C ASP B 212 -3.18 8.81 -9.35
N ALA B 213 -2.45 7.97 -8.61
CA ALA B 213 -1.58 6.99 -9.25
C ALA B 213 -2.37 5.88 -9.93
N ALA B 214 -3.41 5.37 -9.25
CA ALA B 214 -4.19 4.28 -9.83
C ALA B 214 -4.91 4.73 -11.10
N VAL B 215 -5.31 6.00 -11.16
CA VAL B 215 -5.96 6.50 -12.37
C VAL B 215 -4.95 6.61 -13.51
N LEU B 216 -3.75 7.11 -13.21
CA LEU B 216 -2.75 7.31 -14.25
C LEU B 216 -2.23 5.99 -14.80
N ASN B 217 -2.05 5.00 -13.92
CA ASN B 217 -1.64 3.68 -14.40
C ASN B 217 -2.68 3.09 -15.33
N TYR B 218 -3.96 3.29 -15.03
CA TYR B 218 -5.01 2.78 -15.90
C TYR B 218 -5.01 3.48 -17.25
N LYS B 219 -4.80 4.80 -17.24
CA LYS B 219 -4.78 5.55 -18.50
C LYS B 219 -3.56 5.20 -19.34
N ALA B 220 -2.38 5.13 -18.71
CA ALA B 220 -1.17 4.77 -19.44
C ALA B 220 -1.26 3.36 -20.02
N GLY B 221 -1.96 2.46 -19.35
CA GLY B 221 -2.11 1.11 -19.86
C GLY B 221 -3.08 0.98 -21.01
N ARG B 222 -3.98 1.94 -21.16
CA ARG B 222 -4.98 1.93 -22.23
C ARG B 222 -4.64 2.89 -23.37
N ASP B 223 -3.60 3.71 -23.20
CA ASP B 223 -3.28 4.76 -24.16
C ASP B 223 -2.94 4.18 -25.54
N GLU B 224 -3.57 4.75 -26.58
CA GLU B 224 -3.35 4.31 -27.94
C GLU B 224 -1.90 4.57 -28.36
N GLY B 225 -1.27 3.53 -28.91
CA GLY B 225 0.14 3.59 -29.23
C GLY B 225 1.07 3.57 -28.04
N CYS B 226 0.54 3.64 -26.82
CA CYS B 226 1.34 3.54 -25.59
C CYS B 226 2.42 4.60 -25.53
N LYS B 227 2.04 5.85 -25.80
CA LYS B 227 2.99 6.95 -25.75
C LYS B 227 3.06 7.61 -24.38
N LEU B 228 2.03 7.48 -23.56
CA LEU B 228 2.01 8.06 -22.22
C LEU B 228 2.40 7.00 -21.18
N VAL B 229 3.25 7.40 -20.24
CA VAL B 229 3.76 6.50 -19.22
C VAL B 229 3.76 7.20 -17.87
N THR B 230 3.74 6.40 -16.82
CA THR B 230 3.89 6.90 -15.46
C THR B 230 5.26 6.52 -14.91
N ILE B 231 5.66 7.21 -13.85
CA ILE B 231 6.90 6.92 -13.14
C ILE B 231 6.79 5.54 -12.49
N GLY B 232 7.92 5.00 -12.06
CA GLY B 232 7.88 3.74 -11.34
C GLY B 232 7.11 3.86 -10.04
N SER B 233 6.45 2.76 -9.65
CA SER B 233 5.67 2.77 -8.42
C SER B 233 6.52 3.06 -7.19
N GLY B 234 7.84 2.88 -7.29
CA GLY B 234 8.73 3.20 -6.18
C GLY B 234 8.85 4.68 -5.90
N TYR B 235 8.51 5.53 -6.87
CA TYR B 235 8.61 6.97 -6.72
C TYR B 235 7.26 7.64 -6.48
N ILE B 236 6.21 6.85 -6.25
CA ILE B 236 4.89 7.42 -5.96
C ILE B 236 4.93 8.14 -4.63
N PHE B 237 4.37 9.34 -4.59
CA PHE B 237 4.40 10.17 -3.40
C PHE B 237 3.14 9.98 -2.57
N ALA B 238 3.30 9.98 -1.25
CA ALA B 238 2.20 9.82 -0.30
C ALA B 238 1.42 8.54 -0.59
N THR B 239 2.14 7.43 -0.67
CA THR B 239 1.53 6.15 -1.00
C THR B 239 0.40 5.81 -0.02
N THR B 240 -0.68 5.28 -0.58
CA THR B 240 -1.88 4.94 0.19
C THR B 240 -2.74 4.03 -0.68
N GLY B 241 -4.04 3.98 -0.46
CA GLY B 241 -4.87 3.13 -1.30
C GLY B 241 -6.32 3.52 -1.26
N TYR B 242 -7.07 2.97 -2.20
CA TYR B 242 -8.53 3.03 -2.13
C TYR B 242 -9.02 2.05 -1.09
N GLY B 243 -9.91 2.50 -0.20
CA GLY B 243 -10.50 1.62 0.78
C GLY B 243 -11.99 1.89 0.93
N ILE B 244 -12.67 0.97 1.60
CA ILE B 244 -14.08 1.17 1.92
C ILE B 244 -14.18 2.02 3.17
N ALA B 245 -14.98 3.08 3.10
CA ALA B 245 -15.27 3.90 4.26
C ALA B 245 -16.49 3.34 4.98
N LEU B 246 -16.41 3.26 6.30
CA LEU B 246 -17.53 2.84 7.13
C LEU B 246 -17.69 3.86 8.25
N GLN B 247 -18.81 3.76 8.95
CA GLN B 247 -19.04 4.65 10.09
C GLN B 247 -18.02 4.37 11.18
N LYS B 248 -17.75 5.39 12.00
CA LYS B 248 -16.83 5.22 13.13
C LYS B 248 -17.32 4.11 14.05
N GLY B 249 -16.42 3.21 14.40
CA GLY B 249 -16.80 2.08 15.23
C GLY B 249 -17.75 1.11 14.58
N SER B 250 -17.78 1.06 13.24
CA SER B 250 -18.70 0.20 12.53
C SER B 250 -18.42 -1.26 12.87
N PRO B 251 -19.45 -2.07 13.14
CA PRO B 251 -19.21 -3.50 13.41
C PRO B 251 -18.79 -4.28 12.17
N TRP B 252 -18.94 -3.70 10.97
CA TRP B 252 -18.61 -4.42 9.74
C TRP B 252 -17.13 -4.34 9.38
N LYS B 253 -16.37 -3.46 10.02
CA LYS B 253 -14.98 -3.25 9.61
C LYS B 253 -14.16 -4.53 9.69
N ARG B 254 -14.30 -5.29 10.78
CA ARG B 254 -13.45 -6.46 10.99
C ARG B 254 -13.66 -7.51 9.90
N GLN B 255 -14.92 -7.84 9.61
CA GLN B 255 -15.18 -8.85 8.60
C GLN B 255 -14.86 -8.35 7.19
N ILE B 256 -15.03 -7.05 6.95
CA ILE B 256 -14.64 -6.49 5.67
C ILE B 256 -13.13 -6.57 5.49
N ASP B 257 -12.38 -6.31 6.56
CA ASP B 257 -10.92 -6.35 6.48
C ASP B 257 -10.43 -7.75 6.14
N LEU B 258 -10.91 -8.76 6.88
CA LEU B 258 -10.44 -10.12 6.66
C LEU B 258 -10.85 -10.62 5.28
N ALA B 259 -12.07 -10.30 4.85
CA ALA B 259 -12.51 -10.68 3.50
C ALA B 259 -11.65 -10.01 2.44
N LEU B 260 -11.39 -8.71 2.60
CA LEU B 260 -10.53 -8.01 1.65
C LEU B 260 -9.13 -8.59 1.63
N LEU B 261 -8.58 -8.91 2.81
CA LEU B 261 -7.25 -9.50 2.86
C LEU B 261 -7.25 -10.91 2.27
N GLN B 262 -8.38 -11.62 2.37
CA GLN B 262 -8.48 -12.93 1.75
C GLN B 262 -8.42 -12.82 0.24
N PHE B 263 -9.13 -11.84 -0.34
CA PHE B 263 -9.13 -11.67 -1.79
C PHE B 263 -7.72 -11.39 -2.31
N VAL B 264 -6.93 -10.62 -1.55
CA VAL B 264 -5.56 -10.34 -1.97
C VAL B 264 -4.72 -11.62 -1.88
N GLY B 265 -4.95 -12.43 -0.85
CA GLY B 265 -4.09 -13.59 -0.64
C GLY B 265 -4.42 -14.78 -1.52
N ASP B 266 -5.67 -14.92 -1.94
CA ASP B 266 -6.08 -16.07 -2.74
C ASP B 266 -6.22 -15.74 -4.22
N GLY B 267 -5.67 -14.60 -4.66
CA GLY B 267 -5.64 -14.25 -6.07
C GLY B 267 -6.90 -13.62 -6.62
N GLU B 268 -8.02 -13.66 -5.89
CA GLU B 268 -9.25 -13.04 -6.39
C GLU B 268 -9.08 -11.55 -6.62
N MET B 269 -8.13 -10.90 -5.93
CA MET B 269 -7.88 -9.49 -6.18
C MET B 269 -7.14 -9.28 -7.50
N GLU B 270 -6.07 -10.04 -7.72
CA GLU B 270 -5.32 -9.93 -8.96
C GLU B 270 -6.19 -10.22 -10.18
N GLU B 271 -7.16 -11.13 -10.04
CA GLU B 271 -8.07 -11.43 -11.14
C GLU B 271 -8.91 -10.21 -11.50
N LEU B 272 -9.48 -9.54 -10.50
CA LEU B 272 -10.28 -8.35 -10.77
C LEU B 272 -9.44 -7.26 -11.43
N GLU B 273 -8.16 -7.16 -11.07
CA GLU B 273 -7.32 -6.11 -11.62
C GLU B 273 -6.92 -6.34 -13.07
N THR B 274 -6.94 -7.59 -13.54
CA THR B 274 -6.74 -7.83 -14.96
C THR B 274 -8.05 -7.77 -15.74
N LEU B 275 -9.18 -8.00 -15.08
CA LEU B 275 -10.49 -7.84 -15.70
C LEU B 275 -10.90 -6.38 -15.84
N TRP B 276 -10.24 -5.46 -15.14
CA TRP B 276 -10.70 -4.08 -15.11
C TRP B 276 -9.58 -3.07 -15.32
N LEU B 277 -8.37 -3.37 -14.83
CA LEU B 277 -7.32 -2.37 -14.72
C LEU B 277 -6.14 -2.57 -15.66
N THR B 278 -5.88 -3.80 -16.11
CA THR B 278 -4.73 -4.05 -16.98
C THR B 278 -5.10 -3.72 -18.42
N GLY B 279 -4.21 -3.01 -19.10
CA GLY B 279 -4.44 -2.62 -20.48
C GLY B 279 -3.39 -3.11 -21.45
N ILE B 280 -3.43 -2.58 -22.67
CA ILE B 280 -2.53 -3.04 -23.73
C ILE B 280 -1.08 -2.73 -23.38
N CYS B 281 -0.83 -1.55 -22.81
CA CYS B 281 0.53 -1.10 -22.55
C CYS B 281 1.11 -1.80 -21.33
N HIS B 282 2.20 -2.52 -21.54
CA HIS B 282 2.95 -3.18 -20.47
C HIS B 282 2.06 -4.07 -19.59
#